data_3DXO
#
_entry.id   3DXO
#
_cell.length_a   119.570
_cell.length_b   119.570
_cell.length_c   94.490
_cell.angle_alpha   90.000
_cell.angle_beta   90.000
_cell.angle_gamma   120.000
#
_symmetry.space_group_name_H-M   'P 61 2 2'
#
loop_
_entity.id
_entity.type
_entity.pdbx_description
1 polymer 'uncharacterized SnoaL-like Protein'
2 non-polymer 'TRIETHYLENE GLYCOL'
3 non-polymer DI(HYDROXYETHYL)ETHER
4 water water
#
_entity_poly.entity_id   1
_entity_poly.type   'polypeptide(L)'
_entity_poly.pdbx_seq_one_letter_code
;G(MSE)TQHLTIAQTYLAAWNEEDNERRRHLVGQAWAENTRYVDPL(MSE)QGEGQQGIAA(MSE)IEAARQKFPGYRFV
LAGTPDGHGNFTRFSWRLISPDGDDVAGGTDVVSLNTEGRIDNVVGFLDGAVS
;
_entity_poly.pdbx_strand_id   A,B
#
# COMPACT_ATOMS: atom_id res chain seq x y z
N THR A 3 6.65 -16.99 -3.79
CA THR A 3 6.08 -17.93 -2.81
C THR A 3 6.17 -17.30 -1.43
N GLN A 4 7.27 -16.62 -1.12
CA GLN A 4 7.39 -15.93 0.15
C GLN A 4 6.20 -14.98 0.32
N HIS A 5 5.78 -14.30 -0.76
CA HIS A 5 4.61 -13.38 -0.67
C HIS A 5 3.25 -14.10 -0.52
N LEU A 6 3.13 -15.29 -1.08
CA LEU A 6 1.89 -16.05 -1.00
C LEU A 6 1.74 -16.60 0.41
N THR A 7 2.83 -17.10 0.98
CA THR A 7 2.85 -17.61 2.34
C THR A 7 2.45 -16.54 3.34
N ILE A 8 2.98 -15.34 3.15
CA ILE A 8 2.65 -14.22 4.01
C ILE A 8 1.15 -13.86 3.89
N ALA A 9 0.62 -13.86 2.67
CA ALA A 9 -0.79 -13.54 2.46
C ALA A 9 -1.64 -14.57 3.17
N GLN A 10 -1.26 -15.84 2.98
CA GLN A 10 -1.98 -16.99 3.58
C GLN A 10 -1.94 -16.99 5.07
N THR A 11 -0.76 -16.74 5.64
CA THR A 11 -0.60 -16.68 7.10
C THR A 11 -1.46 -15.56 7.67
N TYR A 12 -1.45 -14.44 6.99
CA TYR A 12 -2.23 -13.31 7.45
C TYR A 12 -3.74 -13.60 7.45
N LEU A 13 -4.27 -14.11 6.34
CA LEU A 13 -5.70 -14.43 6.24
C LEU A 13 -6.10 -15.56 7.17
N ALA A 14 -5.22 -16.53 7.41
CA ALA A 14 -5.50 -17.66 8.31
C ALA A 14 -5.83 -17.12 9.72
N ALA A 15 -5.14 -16.03 10.09
CA ALA A 15 -5.38 -15.41 11.38
C ALA A 15 -6.74 -14.77 11.40
N TRP A 16 -7.16 -14.16 10.30
CA TRP A 16 -8.50 -13.54 10.23
C TRP A 16 -9.65 -14.55 10.12
N ASN A 17 -9.39 -15.70 9.51
CA ASN A 17 -10.42 -16.73 9.33
C ASN A 17 -10.50 -17.73 10.48
N GLU A 18 -9.55 -17.70 11.41
CA GLU A 18 -9.57 -18.64 12.53
C GLU A 18 -10.80 -18.43 13.42
N GLU A 19 -11.51 -19.53 13.54
CA GLU A 19 -12.74 -19.63 14.27
C GLU A 19 -12.58 -19.60 15.80
N ASP A 20 -11.54 -20.25 16.32
CA ASP A 20 -11.21 -20.32 17.76
C ASP A 20 -10.37 -19.13 18.22
N ASN A 21 -10.84 -18.34 19.19
CA ASN A 21 -10.09 -17.16 19.61
C ASN A 21 -8.74 -17.48 20.24
N GLU A 22 -8.65 -18.58 20.98
CA GLU A 22 -7.36 -19.01 21.50
C GLU A 22 -6.36 -19.34 20.41
N ARG A 23 -6.76 -20.18 19.47
CA ARG A 23 -5.82 -20.53 18.41
C ARG A 23 -5.31 -19.26 17.72
N ARG A 24 -6.16 -18.27 17.60
CA ARG A 24 -5.79 -17.02 16.93
C ARG A 24 -4.75 -16.23 17.68
N ARG A 25 -4.83 -16.22 19.00
CA ARG A 25 -3.78 -15.56 19.75
C ARG A 25 -2.46 -16.26 19.50
N HIS A 26 -2.46 -17.58 19.50
CA HIS A 26 -1.25 -18.33 19.24
C HIS A 26 -0.76 -17.97 17.81
N LEU A 27 -1.65 -17.90 16.82
CA LEU A 27 -1.26 -17.59 15.43
C LEU A 27 -0.63 -16.19 15.36
N VAL A 28 -1.30 -15.20 15.93
CA VAL A 28 -0.78 -13.81 15.94
C VAL A 28 0.55 -13.78 16.70
N GLY A 29 0.60 -14.48 17.82
CA GLY A 29 1.85 -14.63 18.58
C GLY A 29 3.01 -15.14 17.72
N GLN A 30 2.76 -16.09 16.82
CA GLN A 30 3.80 -16.62 15.92
C GLN A 30 4.09 -15.67 14.76
N ALA A 31 3.07 -15.27 14.00
CA ALA A 31 3.27 -14.45 12.81
C ALA A 31 3.59 -12.96 13.04
N TRP A 32 2.92 -12.32 13.99
CA TRP A 32 3.11 -10.89 14.27
C TRP A 32 4.26 -10.50 15.22
N ALA A 33 4.81 -9.31 15.02
CA ALA A 33 5.87 -8.80 15.90
C ALA A 33 5.29 -8.17 17.19
N GLU A 34 6.12 -8.04 18.23
CA GLU A 34 5.68 -7.40 19.49
C GLU A 34 5.43 -5.92 19.25
N ASN A 35 6.32 -5.26 18.52
CA ASN A 35 6.10 -3.90 18.06
C ASN A 35 5.46 -4.03 16.72
N THR A 36 4.12 -4.11 16.67
CA THR A 36 3.40 -4.24 15.38
C THR A 36 2.22 -3.28 15.38
N ARG A 37 1.79 -2.84 14.21
CA ARG A 37 0.76 -1.82 14.10
C ARG A 37 -0.16 -2.12 12.92
N TYR A 38 -1.46 -1.97 13.12
CA TYR A 38 -2.44 -2.20 12.06
C TYR A 38 -3.36 -0.97 11.92
N VAL A 39 -3.71 -0.65 10.68
CA VAL A 39 -4.70 0.38 10.42
C VAL A 39 -5.37 0.18 9.06
N ASP A 40 -6.71 0.26 9.05
CA ASP A 40 -7.51 0.20 7.82
C ASP A 40 -8.57 1.32 7.95
N PRO A 41 -9.51 1.42 7.01
CA PRO A 41 -10.48 2.53 7.15
C PRO A 41 -11.45 2.43 8.31
N LEU A 42 -11.62 1.25 8.89
CA LEU A 42 -12.57 1.07 10.00
C LEU A 42 -11.96 0.85 11.37
N GLN A 44 -8.05 0.07 13.94
CA GLN A 44 -6.62 0.16 14.23
C GLN A 44 -6.29 -0.71 15.45
N GLY A 45 -5.04 -1.12 15.55
CA GLY A 45 -4.59 -1.90 16.72
C GLY A 45 -3.08 -1.94 16.81
N GLU A 46 -2.56 -2.20 18.00
CA GLU A 46 -1.10 -2.35 18.14
C GLU A 46 -0.73 -3.43 19.17
N GLY A 47 0.30 -4.19 18.83
CA GLY A 47 0.74 -5.29 19.66
C GLY A 47 0.02 -6.58 19.31
N GLN A 48 0.64 -7.69 19.64
CA GLN A 48 0.06 -8.99 19.39
C GLN A 48 -1.32 -9.14 20.03
N GLN A 49 -1.43 -8.72 21.29
CA GLN A 49 -2.67 -8.79 22.05
C GLN A 49 -3.77 -8.01 21.34
N GLY A 50 -3.48 -6.73 21.10
CA GLY A 50 -4.38 -5.78 20.50
C GLY A 50 -4.90 -6.22 19.17
N ILE A 51 -4.02 -6.73 18.32
CA ILE A 51 -4.44 -7.18 17.01
C ILE A 51 -5.33 -8.41 17.11
N ALA A 52 -4.97 -9.35 17.98
CA ALA A 52 -5.82 -10.52 18.24
C ALA A 52 -7.21 -10.06 18.74
N ALA A 53 -7.24 -9.06 19.62
CA ALA A 53 -8.51 -8.52 20.17
C ALA A 53 -9.32 -7.85 19.04
N ILE A 55 -9.21 -8.35 15.78
CA ILE A 55 -9.76 -9.33 14.84
C ILE A 55 -10.96 -10.00 15.43
N GLU A 56 -10.89 -10.38 16.70
CA GLU A 56 -12.04 -10.98 17.38
C GLU A 56 -13.24 -10.04 17.42
N ALA A 57 -13.02 -8.76 17.70
CA ALA A 57 -14.12 -7.82 17.72
C ALA A 57 -14.77 -7.70 16.32
N ALA A 58 -13.92 -7.61 15.29
CA ALA A 58 -14.37 -7.51 13.89
C ALA A 58 -15.22 -8.72 13.52
N ARG A 59 -14.75 -9.92 13.85
CA ARG A 59 -15.51 -11.12 13.57
C ARG A 59 -16.84 -11.21 14.32
N GLN A 60 -16.89 -10.72 15.56
CA GLN A 60 -18.14 -10.74 16.28
C GLN A 60 -19.18 -9.89 15.58
N LYS A 61 -18.77 -8.84 14.90
CA LYS A 61 -19.73 -8.01 14.16
C LYS A 61 -20.18 -8.66 12.81
N PHE A 62 -19.34 -9.53 12.25
CA PHE A 62 -19.61 -10.19 10.96
C PHE A 62 -19.54 -11.73 11.09
N PRO A 63 -20.39 -12.31 11.94
CA PRO A 63 -20.30 -13.73 12.22
C PRO A 63 -20.61 -14.57 10.98
N GLY A 64 -19.81 -15.59 10.73
CA GLY A 64 -19.98 -16.41 9.53
C GLY A 64 -19.23 -15.90 8.29
N TYR A 65 -18.78 -14.65 8.29
CA TYR A 65 -18.10 -14.13 7.11
C TYR A 65 -16.69 -14.73 6.98
N ARG A 66 -16.17 -14.72 5.76
CA ARG A 66 -14.84 -15.25 5.47
C ARG A 66 -14.08 -14.34 4.53
N PHE A 67 -12.75 -14.42 4.60
CA PHE A 67 -11.85 -13.63 3.76
C PHE A 67 -11.17 -14.58 2.82
N VAL A 68 -11.36 -14.41 1.53
CA VAL A 68 -10.75 -15.30 0.58
C VAL A 68 -9.80 -14.50 -0.28
N LEU A 69 -8.62 -15.07 -0.50
CA LEU A 69 -7.61 -14.41 -1.27
C LEU A 69 -8.13 -14.20 -2.70
N ALA A 70 -7.78 -13.06 -3.29
CA ALA A 70 -8.13 -12.72 -4.68
C ALA A 70 -6.82 -12.34 -5.38
N GLY A 71 -6.63 -12.84 -6.59
CA GLY A 71 -5.42 -12.56 -7.37
C GLY A 71 -4.16 -13.14 -6.74
N THR A 72 -3.02 -12.77 -7.31
CA THR A 72 -1.71 -13.26 -6.87
C THR A 72 -1.02 -12.22 -6.02
N PRO A 73 -0.70 -12.57 -4.77
CA PRO A 73 0.10 -11.65 -3.97
C PRO A 73 1.44 -11.32 -4.63
N ASP A 74 1.99 -10.15 -4.37
CA ASP A 74 3.27 -9.78 -4.95
C ASP A 74 4.01 -8.95 -3.93
N GLY A 75 5.12 -8.36 -4.33
CA GLY A 75 5.88 -7.51 -3.43
C GLY A 75 7.33 -7.33 -3.80
N HIS A 76 8.08 -6.86 -2.81
CA HIS A 76 9.51 -6.58 -2.94
C HIS A 76 10.07 -6.26 -1.56
N GLY A 77 11.35 -6.59 -1.34
CA GLY A 77 11.98 -6.43 -0.03
C GLY A 77 11.12 -7.09 1.03
N ASN A 78 10.90 -6.38 2.12
CA ASN A 78 10.06 -6.88 3.21
C ASN A 78 8.57 -6.53 3.02
N PHE A 79 8.20 -6.08 1.82
CA PHE A 79 6.83 -5.75 1.54
C PHE A 79 6.09 -6.82 0.74
N THR A 80 4.87 -7.11 1.19
CA THR A 80 3.95 -7.99 0.50
C THR A 80 2.62 -7.24 0.30
N ARG A 81 2.06 -7.36 -0.90
CA ARG A 81 0.75 -6.78 -1.21
C ARG A 81 -0.18 -7.89 -1.66
N PHE A 82 -1.42 -7.84 -1.19
CA PHE A 82 -2.43 -8.82 -1.64
C PHE A 82 -3.84 -8.29 -1.44
N SER A 83 -4.78 -8.90 -2.13
CA SER A 83 -6.19 -8.55 -2.00
C SER A 83 -7.03 -9.78 -1.61
N TRP A 84 -8.21 -9.48 -1.07
CA TRP A 84 -9.11 -10.51 -0.61
C TRP A 84 -10.53 -10.07 -0.81
N ARG A 85 -11.45 -11.02 -0.80
CA ARG A 85 -12.88 -10.78 -0.91
C ARG A 85 -13.60 -11.25 0.35
N LEU A 86 -14.60 -10.50 0.78
CA LEU A 86 -15.39 -10.89 1.94
C LEU A 86 -16.58 -11.74 1.47
N ILE A 87 -16.65 -12.97 1.93
CA ILE A 87 -17.74 -13.88 1.56
C ILE A 87 -18.76 -14.09 2.70
N SER A 88 -20.02 -13.90 2.34
CA SER A 88 -21.16 -14.03 3.24
C SER A 88 -21.38 -15.49 3.63
N PRO A 89 -22.04 -15.74 4.78
CA PRO A 89 -22.34 -17.12 5.19
C PRO A 89 -23.04 -17.94 4.10
N ASP A 90 -23.88 -17.29 3.30
CA ASP A 90 -24.55 -17.96 2.17
C ASP A 90 -23.67 -18.01 0.89
N GLY A 91 -22.42 -17.57 0.95
CA GLY A 91 -21.53 -17.65 -0.21
C GLY A 91 -21.51 -16.46 -1.15
N ASP A 92 -22.15 -15.36 -0.77
CA ASP A 92 -22.12 -14.14 -1.59
C ASP A 92 -20.89 -13.29 -1.38
N ASP A 93 -20.41 -12.69 -2.47
CA ASP A 93 -19.29 -11.78 -2.43
C ASP A 93 -19.89 -10.43 -2.08
N VAL A 94 -19.60 -9.94 -0.88
CA VAL A 94 -20.20 -8.70 -0.41
C VAL A 94 -19.25 -7.51 -0.39
N ALA A 95 -17.96 -7.79 -0.58
CA ALA A 95 -16.97 -6.70 -0.55
C ALA A 95 -15.56 -7.23 -0.63
N GLY A 96 -14.60 -6.32 -0.53
CA GLY A 96 -13.21 -6.71 -0.53
C GLY A 96 -12.24 -5.63 -0.10
N GLY A 97 -10.99 -6.04 0.10
CA GLY A 97 -9.94 -5.12 0.49
C GLY A 97 -8.59 -5.43 -0.14
N THR A 98 -7.61 -4.59 0.19
CA THR A 98 -6.24 -4.76 -0.26
C THR A 98 -5.32 -4.38 0.91
N ASP A 99 -4.23 -5.11 1.09
CA ASP A 99 -3.34 -4.80 2.21
C ASP A 99 -1.90 -4.72 1.78
N VAL A 100 -1.13 -3.92 2.51
CA VAL A 100 0.30 -3.86 2.31
C VAL A 100 0.80 -4.26 3.68
N VAL A 101 1.62 -5.32 3.72
CA VAL A 101 2.17 -5.89 4.98
C VAL A 101 3.72 -5.77 5.00
N SER A 102 4.31 -5.43 6.14
CA SER A 102 5.75 -5.29 6.24
C SER A 102 6.26 -6.27 7.27
N LEU A 103 7.35 -6.95 6.94
CA LEU A 103 7.99 -7.86 7.85
C LEU A 103 9.20 -7.17 8.46
N ASN A 104 9.48 -7.42 9.73
CA ASN A 104 10.66 -6.87 10.37
C ASN A 104 11.84 -7.78 10.03
N THR A 105 13.06 -7.39 10.40
CA THR A 105 14.22 -8.19 10.01
C THR A 105 14.23 -9.62 10.56
N GLU A 106 13.22 -10.00 11.35
CA GLU A 106 13.17 -11.34 11.94
C GLU A 106 12.00 -12.13 11.38
N GLY A 107 11.52 -11.73 10.21
CA GLY A 107 10.42 -12.40 9.54
C GLY A 107 9.01 -12.24 10.08
N ARG A 108 8.79 -11.40 11.09
CA ARG A 108 7.44 -11.23 11.69
C ARG A 108 6.76 -9.93 11.26
N ILE A 109 5.42 -9.96 11.17
CA ILE A 109 4.64 -8.81 10.69
C ILE A 109 4.72 -7.66 11.70
N ASP A 110 5.26 -6.53 11.24
CA ASP A 110 5.41 -5.34 12.07
C ASP A 110 4.52 -4.20 11.65
N ASN A 111 3.91 -4.29 10.49
CA ASN A 111 3.09 -3.17 10.03
C ASN A 111 2.12 -3.59 8.94
N VAL A 112 0.85 -3.23 9.09
CA VAL A 112 -0.15 -3.49 8.07
C VAL A 112 -1.01 -2.27 7.83
N VAL A 113 -1.22 -1.92 6.57
CA VAL A 113 -2.11 -0.82 6.19
C VAL A 113 -3.11 -1.42 5.19
N GLY A 114 -4.40 -1.40 5.55
CA GLY A 114 -5.47 -1.92 4.68
C GLY A 114 -6.35 -0.87 4.00
N PHE A 115 -6.97 -1.26 2.89
CA PHE A 115 -7.89 -0.40 2.18
C PHE A 115 -9.14 -1.20 1.77
N LEU A 116 -10.25 -0.53 1.46
CA LEU A 116 -11.45 -1.21 1.03
C LEU A 116 -11.68 -1.09 -0.47
N ASP A 117 -12.21 -2.15 -1.08
CA ASP A 117 -12.52 -2.25 -2.52
C ASP A 117 -13.99 -2.70 -2.76
N GLY A 118 -14.61 -2.22 -3.84
CA GLY A 118 -16.00 -2.65 -4.23
C GLY A 118 -16.05 -3.73 -5.32
N THR B 3 -11.62 14.17 -1.96
CA THR B 3 -10.89 15.19 -2.74
C THR B 3 -9.48 15.37 -2.20
N GLN B 4 -9.31 15.35 -0.88
CA GLN B 4 -7.97 15.42 -0.30
C GLN B 4 -7.09 14.28 -0.90
N HIS B 5 -7.67 13.07 -1.10
CA HIS B 5 -6.91 11.95 -1.69
C HIS B 5 -6.65 12.11 -3.19
N LEU B 6 -7.54 12.81 -3.88
CA LEU B 6 -7.37 13.03 -5.33
C LEU B 6 -6.23 14.03 -5.52
N THR B 7 -6.28 15.11 -4.74
CA THR B 7 -5.26 16.16 -4.80
C THR B 7 -3.86 15.56 -4.54
N ILE B 8 -3.78 14.69 -3.55
CA ILE B 8 -2.49 14.09 -3.21
C ILE B 8 -2.00 13.25 -4.39
N ALA B 9 -2.91 12.44 -4.98
CA ALA B 9 -2.54 11.59 -6.11
C ALA B 9 -2.07 12.49 -7.28
N GLN B 10 -2.81 13.55 -7.54
CA GLN B 10 -2.47 14.48 -8.62
C GLN B 10 -1.17 15.20 -8.41
N THR B 11 -0.93 15.68 -7.20
CA THR B 11 0.32 16.38 -6.85
C THR B 11 1.50 15.42 -6.99
N TYR B 12 1.29 14.17 -6.56
CA TYR B 12 2.33 13.16 -6.68
C TYR B 12 2.69 12.92 -8.16
N LEU B 13 1.66 12.61 -8.99
CA LEU B 13 1.90 12.33 -10.40
C LEU B 13 2.44 13.54 -11.18
N ALA B 14 2.04 14.74 -10.77
CA ALA B 14 2.51 16.00 -11.40
C ALA B 14 4.04 16.09 -11.35
N ALA B 15 4.60 15.66 -10.21
CA ALA B 15 6.04 15.66 -10.04
C ALA B 15 6.64 14.65 -10.99
N TRP B 16 6.06 13.46 -11.12
CA TRP B 16 6.63 12.45 -12.04
C TRP B 16 6.50 12.83 -13.50
N ASN B 17 5.51 13.62 -13.84
CA ASN B 17 5.27 14.00 -15.24
C ASN B 17 5.89 15.30 -15.65
N GLU B 18 6.52 15.99 -14.70
CA GLU B 18 7.16 17.26 -14.97
C GLU B 18 8.42 17.01 -15.80
N GLU B 19 8.40 17.68 -16.94
CA GLU B 19 9.42 17.63 -17.97
C GLU B 19 10.74 18.30 -17.56
N ASP B 20 10.66 19.46 -16.90
CA ASP B 20 11.85 20.23 -16.50
C ASP B 20 12.36 19.77 -15.15
N ASN B 21 13.66 19.49 -15.06
CA ASN B 21 14.27 19.01 -13.82
CA ASN B 21 14.25 19.04 -13.81
C ASN B 21 14.17 20.09 -12.70
N GLU B 22 14.39 21.34 -13.04
CA GLU B 22 14.29 22.40 -12.05
C GLU B 22 12.91 22.58 -11.48
N ARG B 23 11.90 22.64 -12.33
CA ARG B 23 10.56 22.77 -11.84
C ARG B 23 10.22 21.62 -10.92
N ARG B 24 10.72 20.44 -11.25
CA ARG B 24 10.48 19.27 -10.43
C ARG B 24 11.10 19.38 -9.04
N ARG B 25 12.29 19.95 -8.92
CA ARG B 25 12.86 20.11 -7.58
C ARG B 25 11.94 20.95 -6.74
N HIS B 26 11.47 22.04 -7.33
CA HIS B 26 10.51 22.96 -6.72
CA HIS B 26 10.60 22.91 -6.61
C HIS B 26 9.25 22.21 -6.29
N LEU B 27 8.75 21.34 -7.15
CA LEU B 27 7.52 20.60 -6.84
C LEU B 27 7.73 19.61 -5.67
N VAL B 28 8.82 18.84 -5.72
CA VAL B 28 9.19 17.89 -4.64
C VAL B 28 9.46 18.70 -3.36
N GLY B 29 10.18 19.83 -3.49
CA GLY B 29 10.39 20.72 -2.36
C GLY B 29 9.05 21.04 -1.68
N GLN B 30 8.02 21.38 -2.44
CA GLN B 30 6.74 21.78 -1.86
C GLN B 30 5.96 20.59 -1.26
N ALA B 31 5.78 19.55 -2.06
CA ALA B 31 4.96 18.40 -1.65
C ALA B 31 5.64 17.42 -0.69
N TRP B 32 6.92 17.16 -0.87
CA TRP B 32 7.62 16.17 -0.03
C TRP B 32 8.26 16.72 1.25
N ALA B 33 8.32 15.88 2.29
CA ALA B 33 8.96 16.23 3.55
C ALA B 33 10.49 16.08 3.47
N GLU B 34 11.19 16.73 4.40
CA GLU B 34 12.65 16.62 4.47
C GLU B 34 13.02 15.19 4.86
N ASN B 35 12.34 14.65 5.88
CA ASN B 35 12.51 13.25 6.25
C ASN B 35 11.49 12.50 5.46
N THR B 36 11.83 12.07 4.25
CA THR B 36 10.89 11.35 3.40
C THR B 36 11.62 10.16 2.81
N ARG B 37 10.85 9.14 2.40
CA ARG B 37 11.42 7.89 1.93
C ARG B 37 10.53 7.29 0.84
N TYR B 38 11.16 6.73 -0.18
CA TYR B 38 10.46 6.09 -1.29
C TYR B 38 11.06 4.71 -1.57
N VAL B 39 10.21 3.75 -1.87
CA VAL B 39 10.67 2.43 -2.31
C VAL B 39 9.61 1.76 -3.17
N ASP B 40 10.03 1.25 -4.32
CA ASP B 40 9.17 0.44 -5.20
C ASP B 40 9.99 -0.79 -5.64
N PRO B 41 9.47 -1.61 -6.56
CA PRO B 41 10.29 -2.81 -6.87
C PRO B 41 11.61 -2.56 -7.61
N LEU B 42 11.76 -1.40 -8.20
CA LEU B 42 12.96 -1.07 -8.99
C LEU B 42 13.86 0.02 -8.38
N GLN B 44 14.63 3.15 -4.94
CA GLN B 44 14.48 3.68 -3.60
C GLN B 44 15.14 5.06 -3.55
N GLY B 45 14.73 5.88 -2.59
CA GLY B 45 15.36 7.19 -2.41
C GLY B 45 15.01 7.76 -1.07
N GLU B 46 15.77 8.76 -0.60
CA GLU B 46 15.37 9.46 0.61
C GLU B 46 15.79 10.92 0.57
N GLY B 47 14.93 11.79 1.11
CA GLY B 47 15.14 13.23 1.11
C GLY B 47 14.55 13.84 -0.15
N GLN B 48 14.28 15.14 -0.09
CA GLN B 48 13.76 15.86 -1.22
C GLN B 48 14.70 15.76 -2.40
N GLN B 49 15.99 16.00 -2.13
CA GLN B 49 17.02 15.95 -3.17
C GLN B 49 17.00 14.58 -3.84
N GLY B 50 17.18 13.53 -3.04
CA GLY B 50 17.25 12.15 -3.51
C GLY B 50 16.08 11.69 -4.36
N ILE B 51 14.88 12.05 -3.93
CA ILE B 51 13.68 11.69 -4.67
C ILE B 51 13.64 12.46 -5.99
N ALA B 52 13.97 13.74 -5.95
CA ALA B 52 14.06 14.53 -7.20
C ALA B 52 15.08 13.86 -8.16
N ALA B 53 16.24 13.46 -7.63
CA ALA B 53 17.28 12.80 -8.44
C ALA B 53 16.74 11.47 -8.99
N ILE B 55 13.64 10.44 -9.55
CA ILE B 55 12.64 10.64 -10.60
C ILE B 55 13.31 11.03 -11.91
N GLU B 56 14.30 11.91 -11.84
CA GLU B 56 15.01 12.30 -13.02
C GLU B 56 15.74 11.13 -13.68
N ALA B 57 16.39 10.28 -12.88
CA ALA B 57 17.09 9.10 -13.41
C ALA B 57 16.08 8.17 -14.10
N ALA B 58 14.92 7.97 -13.45
CA ALA B 58 13.85 7.12 -13.97
C ALA B 58 13.38 7.58 -15.35
N ARG B 59 13.13 8.87 -15.44
CA ARG B 59 12.67 9.46 -16.69
C ARG B 59 13.70 9.44 -17.78
N GLN B 60 14.98 9.57 -17.43
CA GLN B 60 16.01 9.46 -18.45
C GLN B 60 16.04 8.07 -19.05
N LYS B 61 15.65 7.04 -18.29
CA LYS B 61 15.57 5.69 -18.83
C LYS B 61 14.27 5.42 -19.61
N PHE B 62 13.24 6.22 -19.38
CA PHE B 62 11.96 6.06 -20.08
C PHE B 62 11.50 7.38 -20.67
N PRO B 63 12.26 7.91 -21.63
CA PRO B 63 11.94 9.22 -22.21
C PRO B 63 10.64 9.18 -23.01
N GLY B 64 9.82 10.22 -22.86
CA GLY B 64 8.53 10.30 -23.53
C GLY B 64 7.40 9.57 -22.81
N TYR B 65 7.71 8.72 -21.83
CA TYR B 65 6.66 8.01 -21.10
C TYR B 65 5.89 8.92 -20.16
N ARG B 66 4.66 8.57 -19.83
CA ARG B 66 3.85 9.36 -18.93
C ARG B 66 3.19 8.45 -17.92
N PHE B 67 2.75 9.02 -16.80
CA PHE B 67 2.08 8.28 -15.73
C PHE B 67 0.67 8.85 -15.54
N VAL B 68 -0.36 8.12 -15.94
CA VAL B 68 -1.72 8.63 -15.91
C VAL B 68 -2.53 7.91 -14.85
N LEU B 69 -3.30 8.70 -14.11
CA LEU B 69 -4.09 8.18 -13.02
C LEU B 69 -5.12 7.19 -13.57
N ALA B 70 -5.34 6.11 -12.83
CA ALA B 70 -6.31 5.06 -13.15
C ALA B 70 -7.23 4.90 -11.93
N GLY B 71 -8.52 4.83 -12.17
CA GLY B 71 -9.48 4.69 -11.06
C GLY B 71 -9.58 5.89 -10.13
N THR B 72 -10.24 5.72 -8.99
CA THR B 72 -10.40 6.78 -8.00
C THR B 72 -9.53 6.58 -6.79
N PRO B 73 -8.63 7.53 -6.51
CA PRO B 73 -7.86 7.45 -5.28
C PRO B 73 -8.77 7.33 -4.04
N ASP B 74 -8.26 6.68 -3.00
CA ASP B 74 -9.00 6.57 -1.76
C ASP B 74 -8.03 6.63 -0.60
N GLY B 75 -8.53 6.39 0.59
CA GLY B 75 -7.65 6.36 1.74
C GLY B 75 -8.35 6.60 3.05
N HIS B 76 -7.52 6.88 4.04
CA HIS B 76 -7.97 7.11 5.41
C HIS B 76 -6.81 7.67 6.22
N GLY B 77 -7.13 8.48 7.22
CA GLY B 77 -6.13 9.16 8.04
C GLY B 77 -5.20 9.91 7.12
N ASN B 78 -3.90 9.76 7.35
CA ASN B 78 -2.86 10.36 6.52
C ASN B 78 -2.43 9.43 5.38
N PHE B 79 -3.20 8.39 5.09
CA PHE B 79 -2.89 7.49 3.97
C PHE B 79 -3.76 7.73 2.74
N THR B 80 -3.09 7.75 1.59
CA THR B 80 -3.75 7.82 0.30
C THR B 80 -3.27 6.63 -0.56
N ARG B 81 -4.18 6.03 -1.30
CA ARG B 81 -3.87 4.96 -2.24
C ARG B 81 -4.44 5.28 -3.61
N PHE B 82 -3.64 5.02 -4.63
CA PHE B 82 -4.05 5.26 -5.99
C PHE B 82 -3.23 4.42 -6.94
N SER B 83 -3.75 4.29 -8.16
CA SER B 83 -3.09 3.55 -9.22
C SER B 83 -2.94 4.40 -10.47
N TRP B 84 -1.94 4.04 -11.28
CA TRP B 84 -1.62 4.77 -12.49
C TRP B 84 -1.16 3.82 -13.57
N ARG B 85 -1.24 4.25 -14.82
CA ARG B 85 -0.82 3.49 -15.98
C ARG B 85 0.36 4.20 -16.64
N LEU B 86 1.27 3.41 -17.21
CA LEU B 86 2.43 3.95 -17.91
C LEU B 86 2.12 3.98 -19.38
N ILE B 87 2.07 5.20 -19.94
CA ILE B 87 1.76 5.43 -21.36
C ILE B 87 3.01 5.80 -22.21
N SER B 88 3.15 5.03 -23.29
CA SER B 88 4.25 5.12 -24.25
C SER B 88 4.14 6.42 -25.03
N PRO B 89 5.27 6.90 -25.59
CA PRO B 89 5.22 8.08 -26.43
C PRO B 89 4.14 7.98 -27.51
N ASP B 90 3.96 6.82 -28.11
CA ASP B 90 2.91 6.65 -29.16
C ASP B 90 1.49 6.51 -28.57
N GLY B 91 1.34 6.53 -27.25
CA GLY B 91 0.05 6.39 -26.58
C GLY B 91 -0.33 5.00 -26.07
N ASP B 92 0.54 4.01 -26.20
CA ASP B 92 0.20 2.64 -25.73
C ASP B 92 0.30 2.52 -24.23
N ASP B 93 -0.59 1.71 -23.68
CA ASP B 93 -0.57 1.37 -22.25
C ASP B 93 0.33 0.14 -22.15
N VAL B 94 1.50 0.33 -21.58
CA VAL B 94 2.53 -0.69 -21.49
C VAL B 94 2.56 -1.38 -20.12
N ALA B 95 2.06 -0.72 -19.08
CA ALA B 95 2.09 -1.27 -17.74
C ALA B 95 1.47 -0.30 -16.74
N GLY B 96 1.62 -0.60 -15.46
CA GLY B 96 1.14 0.31 -14.43
C GLY B 96 1.71 0.04 -13.06
N GLY B 97 1.27 0.86 -12.10
CA GLY B 97 1.60 0.67 -10.69
C GLY B 97 0.50 1.09 -9.73
N THR B 98 0.76 0.86 -8.45
CA THR B 98 -0.11 1.27 -7.36
C THR B 98 0.77 1.77 -6.23
N ASP B 99 0.37 2.86 -5.57
CA ASP B 99 1.17 3.40 -4.48
C ASP B 99 0.36 3.68 -3.23
N VAL B 100 1.07 3.61 -2.09
CA VAL B 100 0.50 4.00 -0.81
C VAL B 100 1.39 5.15 -0.36
N VAL B 101 0.78 6.32 -0.16
CA VAL B 101 1.49 7.55 0.24
C VAL B 101 1.08 7.97 1.65
N SER B 102 2.02 8.47 2.45
CA SER B 102 1.74 8.90 3.81
C SER B 102 2.10 10.37 3.95
N LEU B 103 1.23 11.12 4.60
CA LEU B 103 1.48 12.51 4.87
C LEU B 103 1.92 12.63 6.30
N ASN B 104 2.84 13.54 6.59
CA ASN B 104 3.25 13.78 7.97
C ASN B 104 2.24 14.75 8.55
N THR B 105 2.37 15.10 9.83
CA THR B 105 1.38 15.98 10.45
C THR B 105 1.38 17.40 9.90
N GLU B 106 2.26 17.71 8.95
CA GLU B 106 2.30 19.05 8.37
C GLU B 106 1.87 19.05 6.90
N GLY B 107 1.16 17.99 6.50
CA GLY B 107 0.65 17.83 5.14
C GLY B 107 1.61 17.43 4.03
N ARG B 108 2.87 17.14 4.32
CA ARG B 108 3.84 16.82 3.27
C ARG B 108 4.17 15.34 3.21
N ILE B 109 4.48 14.84 2.02
CA ILE B 109 4.72 13.39 1.81
C ILE B 109 5.99 12.89 2.52
N ASP B 110 5.82 11.99 3.48
CA ASP B 110 6.96 11.43 4.24
C ASP B 110 7.28 9.97 3.93
N ASN B 111 6.39 9.29 3.22
CA ASN B 111 6.62 7.88 2.94
C ASN B 111 5.83 7.36 1.75
N VAL B 112 6.49 6.68 0.82
CA VAL B 112 5.77 6.10 -0.32
C VAL B 112 6.24 4.70 -0.62
N VAL B 113 5.30 3.78 -0.79
CA VAL B 113 5.63 2.41 -1.11
C VAL B 113 4.87 2.06 -2.39
N GLY B 114 5.59 1.80 -3.47
CA GLY B 114 4.99 1.46 -4.76
C GLY B 114 5.07 -0.01 -5.15
N PHE B 115 4.13 -0.44 -5.99
CA PHE B 115 4.07 -1.82 -6.51
C PHE B 115 3.77 -1.79 -8.02
N LEU B 116 4.13 -2.84 -8.75
CA LEU B 116 3.88 -2.89 -10.20
C LEU B 116 2.66 -3.75 -10.52
N ASP B 117 1.94 -3.34 -11.56
CA ASP B 117 0.74 -4.01 -12.06
C ASP B 117 0.86 -4.30 -13.55
N GLY B 118 0.28 -5.40 -14.02
CA GLY B 118 0.19 -5.69 -15.45
C GLY B 118 -1.16 -5.11 -15.93
N ALA B 119 -2.01 -5.89 -16.61
CA ALA B 119 -3.31 -5.35 -17.02
C ALA B 119 -4.38 -5.68 -15.98
#